data_5C84
#
_entry.id   5C84
#
_cell.length_a   71.012
_cell.length_b   71.012
_cell.length_c   105.942
_cell.angle_alpha   90.00
_cell.angle_beta   90.00
_cell.angle_gamma   90.00
#
_symmetry.space_group_name_H-M   'P 41 2 2'
#
loop_
_entity.id
_entity.type
_entity.pdbx_description
1 polymer 'E3 ubiquitin-protein ligase XIAP'
2 non-polymer 'ZINC ION'
3 non-polymer (2R,5R)-4-[2-(6-chloro-3,3-dimethyl-2,3-dihydro-1H-pyrrolo[3,2-c]pyridin-1-yl)-2-oxoethyl]-5-(methoxymethyl)-2-methylpiperazin-1-ium
4 water water
#
_entity_poly.entity_id   1
_entity_poly.type   'polypeptide(L)'
_entity_poly.pdbx_seq_one_letter_code
;GSHMNFPNSTNLPRNPSMADYEARIFTFGTWIYSVNKEQLARAGFYALGEGDKVKCFHCGGGLTDWKPSEDPWEQHAKWY
PGCKYLLEQKGQEYINNIHLTHSLEECLVR
;
_entity_poly.pdbx_strand_id   A
#
# COMPACT_ATOMS: atom_id res chain seq x y z
N MET A 4 -12.96 10.95 1.85
CA MET A 4 -11.55 11.11 1.41
C MET A 4 -11.30 10.42 0.06
N ASN A 5 -12.37 10.34 -0.74
CA ASN A 5 -12.46 9.49 -1.96
C ASN A 5 -12.58 8.01 -1.66
N PHE A 6 -13.61 7.40 -2.24
CA PHE A 6 -13.85 5.98 -2.02
C PHE A 6 -12.71 5.17 -2.65
N PRO A 7 -12.39 3.99 -2.06
CA PRO A 7 -11.30 3.19 -2.61
C PRO A 7 -11.76 2.45 -3.90
N ASN A 8 -10.91 2.38 -4.92
CA ASN A 8 -11.29 1.64 -6.15
C ASN A 8 -11.23 0.12 -5.90
N SER A 9 -12.36 -0.52 -6.09
CA SER A 9 -12.45 -1.97 -5.94
C SER A 9 -12.66 -2.74 -7.24
N THR A 10 -12.51 -2.09 -8.40
CA THR A 10 -12.61 -2.77 -9.69
C THR A 10 -11.27 -3.37 -10.06
N ASN A 11 -11.26 -4.18 -11.12
CA ASN A 11 -10.03 -4.75 -11.68
C ASN A 11 -9.23 -3.77 -12.53
N LEU A 12 -9.74 -2.55 -12.63
CA LEU A 12 -9.15 -1.51 -13.45
C LEU A 12 -8.46 -0.47 -12.54
N PRO A 13 -7.15 -0.23 -12.77
CA PRO A 13 -6.40 0.71 -11.93
C PRO A 13 -6.91 2.14 -12.08
N ARG A 14 -6.92 2.87 -10.97
CA ARG A 14 -7.33 4.25 -10.96
C ARG A 14 -6.29 5.16 -11.63
N ASN A 15 -5.02 4.84 -11.43
CA ASN A 15 -3.97 5.57 -12.08
C ASN A 15 -3.12 4.68 -13.01
N PRO A 16 -3.58 4.47 -14.27
CA PRO A 16 -2.82 3.64 -15.21
C PRO A 16 -1.38 4.11 -15.51
N SER A 17 -1.12 5.42 -15.51
CA SER A 17 0.24 5.94 -15.74
C SER A 17 1.28 5.44 -14.74
N MET A 18 0.79 5.00 -13.58
CA MET A 18 1.61 4.44 -12.50
C MET A 18 1.55 2.90 -12.38
N ALA A 19 1.06 2.23 -13.43
CA ALA A 19 0.97 0.76 -13.46
C ALA A 19 2.31 0.04 -13.53
N ASP A 20 3.34 0.69 -14.08
CA ASP A 20 4.66 0.06 -14.18
C ASP A 20 5.48 0.34 -12.94
N TYR A 21 6.10 -0.72 -12.43
CA TYR A 21 7.06 -0.62 -11.35
C TYR A 21 8.05 0.56 -11.57
N GLU A 22 8.66 0.61 -12.74
CA GLU A 22 9.63 1.65 -13.06
C GLU A 22 9.07 3.07 -12.95
N ALA A 23 7.83 3.27 -13.43
CA ALA A 23 7.22 4.58 -13.34
C ALA A 23 7.08 5.01 -11.87
N ARG A 24 6.61 4.09 -11.02
CA ARG A 24 6.41 4.33 -9.58
C ARG A 24 7.72 4.68 -8.88
N ILE A 25 8.79 3.95 -9.24
CA ILE A 25 10.09 4.15 -8.64
C ILE A 25 10.59 5.59 -8.81
N PHE A 26 10.44 6.17 -10.01
CA PHE A 26 10.87 7.55 -10.28
C PHE A 26 10.23 8.61 -9.36
N THR A 27 9.01 8.35 -8.90
CA THR A 27 8.27 9.35 -8.12
C THR A 27 8.94 9.66 -6.77
N PHE A 28 9.73 8.71 -6.26
CA PHE A 28 10.36 8.82 -4.94
C PHE A 28 11.53 9.82 -4.88
N GLY A 29 12.42 9.76 -5.87
CA GLY A 29 13.69 10.48 -5.83
C GLY A 29 14.53 9.98 -4.67
N THR A 30 15.41 10.82 -4.15
CA THR A 30 16.08 10.55 -2.89
C THR A 30 15.02 10.46 -1.78
N TRP A 31 15.02 9.35 -1.05
CA TRP A 31 13.98 8.99 -0.09
C TRP A 31 14.67 8.73 1.25
N ILE A 32 14.32 9.53 2.26
CA ILE A 32 15.02 9.50 3.56
C ILE A 32 14.27 8.65 4.59
N TYR A 33 13.05 8.26 4.25
CA TYR A 33 12.12 7.64 5.20
C TYR A 33 12.50 6.20 5.56
N SER A 34 11.99 5.78 6.72
CA SER A 34 12.33 4.49 7.35
C SER A 34 11.88 3.32 6.46
N VAL A 35 10.85 3.56 5.68
CA VAL A 35 10.33 2.51 4.83
C VAL A 35 10.92 2.56 3.41
N ASN A 36 11.32 1.37 2.96
CA ASN A 36 12.05 1.10 1.73
C ASN A 36 11.24 1.44 0.46
N LYS A 37 11.80 2.30 -0.39
CA LYS A 37 11.09 2.77 -1.60
C LYS A 37 10.80 1.67 -2.62
N GLU A 38 11.73 0.72 -2.76
CA GLU A 38 11.51 -0.38 -3.69
C GLU A 38 10.43 -1.37 -3.21
N GLN A 39 10.38 -1.64 -1.90
CA GLN A 39 9.29 -2.42 -1.29
C GLN A 39 7.93 -1.72 -1.46
N LEU A 40 7.94 -0.39 -1.36
CA LEU A 40 6.75 0.42 -1.60
C LEU A 40 6.29 0.32 -3.04
N ALA A 41 7.20 0.55 -3.98
CA ALA A 41 6.90 0.44 -5.41
C ALA A 41 6.34 -0.94 -5.75
N ARG A 42 6.94 -1.98 -5.19
CA ARG A 42 6.49 -3.37 -5.36
C ARG A 42 5.08 -3.63 -4.85
N ALA A 43 4.73 -2.98 -3.73
CA ALA A 43 3.40 -3.10 -3.17
C ALA A 43 2.37 -2.17 -3.84
N GLY A 44 2.74 -1.60 -4.99
CA GLY A 44 1.84 -0.78 -5.83
C GLY A 44 1.88 0.71 -5.56
N PHE A 45 2.73 1.13 -4.62
CA PHE A 45 2.75 2.52 -4.18
C PHE A 45 3.71 3.42 -4.97
N TYR A 46 3.29 4.67 -5.15
CA TYR A 46 4.16 5.72 -5.71
C TYR A 46 4.07 6.92 -4.77
N ALA A 47 5.15 7.72 -4.72
CA ALA A 47 5.25 8.91 -3.86
C ALA A 47 4.50 10.12 -4.43
N LEU A 48 3.89 10.91 -3.56
CA LEU A 48 3.23 12.16 -3.98
C LEU A 48 4.10 13.42 -3.83
N GLY A 49 5.29 13.26 -3.22
CA GLY A 49 6.16 14.38 -2.91
C GLY A 49 5.67 15.21 -1.73
N GLU A 50 4.80 14.62 -0.89
CA GLU A 50 4.26 15.26 0.33
C GLU A 50 4.73 14.44 1.53
N GLY A 51 5.93 14.77 2.02
CA GLY A 51 6.60 13.91 3.01
C GLY A 51 6.63 12.46 2.54
N ASP A 52 6.25 11.53 3.43
CA ASP A 52 6.21 10.10 3.06
C ASP A 52 4.84 9.60 2.58
N LYS A 53 3.99 10.50 2.10
CA LYS A 53 2.69 10.08 1.54
C LYS A 53 2.87 9.31 0.25
N VAL A 54 2.28 8.11 0.21
CA VAL A 54 2.20 7.29 -0.98
C VAL A 54 0.74 7.02 -1.35
N LYS A 55 0.49 6.69 -2.62
CA LYS A 55 -0.82 6.23 -3.09
C LYS A 55 -0.60 4.98 -3.91
N CYS A 56 -1.55 4.05 -3.83
CA CYS A 56 -1.55 2.89 -4.68
C CYS A 56 -2.08 3.28 -6.07
N PHE A 57 -1.37 2.85 -7.12
CA PHE A 57 -1.75 3.13 -8.51
C PHE A 57 -3.11 2.52 -8.85
N HIS A 58 -3.43 1.42 -8.19
CA HIS A 58 -4.63 0.67 -8.49
C HIS A 58 -5.87 1.12 -7.71
N CYS A 59 -5.81 1.01 -6.39
CA CYS A 59 -6.95 1.37 -5.56
C CYS A 59 -7.05 2.88 -5.25
N GLY A 60 -5.97 3.63 -5.46
CA GLY A 60 -5.95 5.07 -5.15
C GLY A 60 -5.67 5.30 -3.66
N GLY A 61 -5.57 4.22 -2.88
CA GLY A 61 -5.45 4.33 -1.45
C GLY A 61 -4.16 4.98 -1.00
N GLY A 62 -4.31 5.96 -0.12
CA GLY A 62 -3.21 6.74 0.43
C GLY A 62 -2.81 6.33 1.84
N LEU A 63 -1.51 6.43 2.11
CA LEU A 63 -0.89 6.11 3.40
C LEU A 63 0.25 7.08 3.72
N THR A 64 0.34 7.49 4.99
CA THR A 64 1.35 8.43 5.48
C THR A 64 1.94 7.95 6.82
N ASP A 65 2.96 8.67 7.29
CA ASP A 65 3.53 8.52 8.64
C ASP A 65 3.97 7.09 8.92
N TRP A 66 4.87 6.61 8.06
CA TRP A 66 5.40 5.26 8.11
C TRP A 66 6.35 5.09 9.30
N LYS A 67 6.02 4.19 10.22
CA LYS A 67 6.90 3.77 11.31
C LYS A 67 7.88 2.72 10.75
N PRO A 68 9.06 2.52 11.39
CA PRO A 68 9.97 1.45 10.93
C PRO A 68 9.32 0.06 10.85
N SER A 69 8.42 -0.23 11.79
CA SER A 69 7.73 -1.52 11.89
C SER A 69 6.55 -1.75 10.92
N GLU A 70 6.21 -0.75 10.12
CA GLU A 70 5.03 -0.84 9.25
C GLU A 70 5.44 -1.26 7.84
N ASP A 71 5.00 -2.46 7.47
CA ASP A 71 5.29 -3.09 6.18
C ASP A 71 4.35 -2.55 5.07
N PRO A 72 4.90 -2.17 3.89
CA PRO A 72 4.06 -1.74 2.76
C PRO A 72 2.88 -2.67 2.43
N TRP A 73 3.13 -3.97 2.28
CA TRP A 73 2.05 -4.92 1.91
C TRP A 73 0.99 -5.09 2.99
N GLU A 74 1.44 -5.23 4.23
CA GLU A 74 0.56 -5.32 5.41
C GLU A 74 -0.36 -4.11 5.56
N GLN A 75 0.21 -2.91 5.38
CA GLN A 75 -0.54 -1.66 5.47
C GLN A 75 -1.57 -1.50 4.34
N HIS A 76 -1.18 -1.96 3.16
CA HIS A 76 -2.02 -1.95 1.97
C HIS A 76 -3.26 -2.81 2.25
N ALA A 77 -3.03 -4.04 2.76
CA ALA A 77 -4.11 -4.96 3.18
C ALA A 77 -4.94 -4.41 4.33
N LYS A 78 -4.27 -3.78 5.30
CA LYS A 78 -4.96 -3.27 6.50
C LYS A 78 -6.02 -2.22 6.11
N TRP A 79 -5.59 -1.22 5.35
CA TRP A 79 -6.40 -0.06 5.05
C TRP A 79 -7.16 -0.14 3.72
N TYR A 80 -6.64 -0.93 2.75
CA TYR A 80 -7.31 -1.09 1.43
C TYR A 80 -7.59 -2.55 1.05
N PRO A 81 -8.37 -3.28 1.91
CA PRO A 81 -8.57 -4.72 1.68
C PRO A 81 -9.30 -5.07 0.38
N GLY A 82 -10.00 -4.10 -0.22
CA GLY A 82 -10.76 -4.33 -1.46
C GLY A 82 -9.93 -4.17 -2.72
N CYS A 83 -8.66 -3.80 -2.57
CA CYS A 83 -7.77 -3.56 -3.71
C CYS A 83 -7.51 -4.83 -4.53
N LYS A 84 -7.82 -4.77 -5.83
CA LYS A 84 -7.65 -5.93 -6.71
C LYS A 84 -6.19 -6.21 -7.08
N TYR A 85 -5.38 -5.18 -7.18
CA TYR A 85 -3.93 -5.35 -7.31
C TYR A 85 -3.33 -6.16 -6.13
N LEU A 86 -3.58 -5.70 -4.91
CA LEU A 86 -3.29 -6.48 -3.69
C LEU A 86 -3.73 -7.96 -3.78
N LEU A 87 -5.00 -8.20 -4.17
CA LEU A 87 -5.52 -9.58 -4.32
C LEU A 87 -4.74 -10.38 -5.35
N GLU A 88 -4.41 -9.74 -6.48
CA GLU A 88 -3.68 -10.41 -7.55
C GLU A 88 -2.28 -10.84 -7.08
N GLN A 89 -1.59 -9.94 -6.38
CA GLN A 89 -0.18 -10.14 -6.04
C GLN A 89 0.03 -11.05 -4.84
N LYS A 90 -0.85 -10.95 -3.86
CA LYS A 90 -0.66 -11.60 -2.57
C LYS A 90 -1.58 -12.79 -2.30
N GLY A 91 -2.78 -12.79 -2.89
CA GLY A 91 -3.77 -13.86 -2.66
C GLY A 91 -4.64 -13.57 -1.44
N GLN A 92 -5.80 -14.24 -1.34
CA GLN A 92 -6.76 -13.98 -0.24
C GLN A 92 -6.26 -14.66 1.07
N GLU A 93 -5.57 -15.80 0.96
CA GLU A 93 -4.91 -16.48 2.09
C GLU A 93 -4.04 -15.51 2.91
N TYR A 94 -3.09 -14.83 2.23
CA TYR A 94 -2.28 -13.77 2.83
C TYR A 94 -3.12 -12.66 3.42
N ILE A 95 -4.14 -12.22 2.67
CA ILE A 95 -4.97 -11.07 3.05
C ILE A 95 -5.74 -11.36 4.35
N ASN A 96 -6.29 -12.56 4.46
CA ASN A 96 -6.99 -12.98 5.66
C ASN A 96 -6.05 -13.02 6.86
N ASN A 97 -4.85 -13.60 6.68
CA ASN A 97 -3.81 -13.66 7.73
C ASN A 97 -3.57 -12.29 8.30
N ILE A 98 -3.22 -11.32 7.45
CA ILE A 98 -2.94 -9.96 7.86
C ILE A 98 -4.09 -9.34 8.67
N HIS A 99 -5.32 -9.63 8.22
CA HIS A 99 -6.53 -9.11 8.84
C HIS A 99 -6.75 -9.68 10.20
N LEU A 100 -6.68 -11.01 10.29
CA LEU A 100 -6.71 -11.69 11.58
C LEU A 100 -5.62 -11.20 12.52
N THR A 101 -4.41 -11.00 12.01
CA THR A 101 -3.26 -10.54 12.80
C THR A 101 -3.50 -9.16 13.43
N HIS A 102 -3.97 -8.21 12.62
CA HIS A 102 -4.21 -6.86 13.09
C HIS A 102 -5.48 -6.79 13.95
N SER A 103 -6.55 -7.48 13.53
CA SER A 103 -7.76 -7.59 14.33
C SER A 103 -7.49 -8.17 15.72
N LEU A 104 -6.57 -9.15 15.80
CA LEU A 104 -6.14 -9.76 17.07
C LEU A 104 -5.04 -8.97 17.79
N GLU A 105 -4.36 -8.08 17.07
CA GLU A 105 -3.40 -7.18 17.74
C GLU A 105 -4.12 -6.19 18.65
N GLU A 106 -5.31 -5.76 18.22
CA GLU A 106 -6.22 -4.97 19.05
C GLU A 106 -6.66 -5.65 20.35
N CYS A 107 -6.94 -6.96 20.31
CA CYS A 107 -7.28 -7.72 21.52
C CYS A 107 -6.22 -7.50 22.58
N LEU A 108 -4.97 -7.86 22.24
CA LEU A 108 -3.86 -7.84 23.21
C LEU A 108 -3.44 -6.46 23.78
N VAL A 109 -3.76 -5.38 23.05
CA VAL A 109 -3.42 -4.01 23.53
C VAL A 109 -4.34 -3.47 24.63
N ARG A 110 -5.65 -3.73 24.51
CA ARG A 110 -6.66 -3.23 25.46
C ARG A 110 -6.57 -3.92 26.81
#